data_1FMA
#
_entry.id   1FMA
#
_cell.length_a   64.150
_cell.length_b   47.959
_cell.length_c   74.146
_cell.angle_alpha   90.00
_cell.angle_beta   107.35
_cell.angle_gamma   90.00
#
_symmetry.space_group_name_H-M   'C 1 2 1'
#
loop_
_entity.id
_entity.type
_entity.pdbx_description
1 polymer 'MOLYBDOPTERIN CONVERTING FACTOR, SUBUNIT 1'
2 polymer 'MOLYBDOPTERIN CONVERTING FACTOR, SUBUNIT 2'
3 non-polymer 'CHLORIDE ION'
4 water water
#
loop_
_entity_poly.entity_id
_entity_poly.type
_entity_poly.pdbx_seq_one_letter_code
_entity_poly.pdbx_strand_id
1 'polypeptide(L)'
;MIKVLFFAQVRELVGTDATEVAADFPTVEALRQHMAAQSDRWALALEDGKLLAAVNQTLVSFDHPLTDGDEVAFFPPVTG
G
;
D
2 'polypeptide(L)'
;MAETKIVVGPQPFSVGEEYPWLAERDEDGAVVTFTGKVRNHNLGDSVNALTLEHYPGMTEKALAEIVDEARNRWPLGRVT
VIHRIGELWPGDEIVFVGVTSAHRSSAFEAGQFIMDYLKTRAPFWKREATPEGDRWVEARESDQQAAKRW
;
E
#
loop_
_chem_comp.id
_chem_comp.type
_chem_comp.name
_chem_comp.formula
CL non-polymer 'CHLORIDE ION' 'Cl -1'
#
# COMPACT_ATOMS: atom_id res chain seq x y z
N MET A 1 7.40 -7.24 -23.90
CA MET A 1 5.94 -7.45 -23.65
C MET A 1 5.55 -6.60 -22.43
N ILE A 2 4.26 -6.53 -22.08
CA ILE A 2 3.82 -5.96 -20.76
C ILE A 2 3.44 -7.11 -19.86
N LYS A 3 3.94 -7.03 -18.61
CA LYS A 3 3.69 -8.06 -17.64
C LYS A 3 2.56 -7.52 -16.78
N VAL A 4 1.58 -8.35 -16.52
CA VAL A 4 0.41 -7.92 -15.73
C VAL A 4 0.33 -8.82 -14.54
N LEU A 5 0.28 -8.16 -13.37
CA LEU A 5 0.21 -8.84 -12.14
C LEU A 5 -1.17 -8.63 -11.54
N PHE A 6 -1.65 -9.60 -10.76
CA PHE A 6 -2.94 -9.49 -10.10
C PHE A 6 -2.76 -9.75 -8.63
N PHE A 7 -3.60 -9.12 -7.79
CA PHE A 7 -3.56 -9.36 -6.35
C PHE A 7 -4.88 -9.58 -5.73
N ALA A 8 -4.85 -10.29 -4.60
CA ALA A 8 -6.05 -10.44 -3.73
C ALA A 8 -7.22 -11.00 -4.47
N GLN A 9 -8.37 -10.46 -4.28
CA GLN A 9 -9.54 -10.96 -4.98
C GLN A 9 -9.41 -11.00 -6.43
N VAL A 10 -8.76 -9.97 -6.99
CA VAL A 10 -8.62 -9.94 -8.45
C VAL A 10 -7.89 -11.17 -8.97
N ARG A 11 -6.76 -11.41 -8.29
CA ARG A 11 -5.93 -12.54 -8.56
C ARG A 11 -6.70 -13.83 -8.51
N GLU A 12 -7.51 -13.95 -7.48
CA GLU A 12 -8.31 -15.17 -7.20
C GLU A 12 -9.27 -15.37 -8.35
N LEU A 13 -9.99 -14.34 -8.71
CA LEU A 13 -11.00 -14.41 -9.78
C LEU A 13 -10.34 -14.59 -11.16
N VAL A 14 -9.28 -13.87 -11.47
CA VAL A 14 -8.69 -14.04 -12.77
C VAL A 14 -8.03 -15.39 -12.89
N GLY A 15 -7.60 -15.95 -11.74
CA GLY A 15 -7.08 -17.30 -11.79
C GLY A 15 -5.65 -17.52 -12.13
N THR A 16 -4.94 -16.44 -12.17
CA THR A 16 -3.49 -16.45 -12.33
C THR A 16 -2.91 -15.29 -11.59
N ASP A 17 -1.67 -15.41 -11.17
CA ASP A 17 -1.00 -14.29 -10.49
C ASP A 17 -0.40 -13.31 -11.42
N ALA A 18 -0.13 -13.75 -12.65
CA ALA A 18 0.63 -12.94 -13.60
C ALA A 18 0.46 -13.40 -14.96
N THR A 19 0.52 -12.53 -15.91
CA THR A 19 0.46 -12.91 -17.28
C THR A 19 1.12 -11.88 -18.13
N GLU A 20 1.46 -12.24 -19.33
CA GLU A 20 2.05 -11.30 -20.28
C GLU A 20 1.11 -11.01 -21.41
N VAL A 21 1.15 -9.75 -21.85
CA VAL A 21 0.42 -9.24 -22.99
C VAL A 21 1.33 -8.41 -23.94
N ALA A 22 1.06 -8.42 -25.24
CA ALA A 22 1.85 -7.56 -26.15
C ALA A 22 1.69 -6.05 -25.79
N ALA A 23 2.65 -5.20 -26.15
CA ALA A 23 2.51 -3.79 -25.82
C ALA A 23 1.70 -3.08 -26.92
N ASP A 24 0.52 -3.63 -27.18
CA ASP A 24 -0.37 -3.09 -28.19
C ASP A 24 -1.50 -2.36 -27.56
N PHE A 25 -1.32 -1.78 -26.37
CA PHE A 25 -2.39 -0.99 -25.81
C PHE A 25 -1.91 0.35 -25.44
N PRO A 26 -2.67 1.37 -25.74
CA PRO A 26 -2.14 2.70 -25.46
C PRO A 26 -2.13 3.06 -23.98
N THR A 27 -3.05 2.50 -23.21
CA THR A 27 -3.27 2.94 -21.82
C THR A 27 -3.59 1.73 -21.02
N VAL A 28 -3.48 1.94 -19.73
CA VAL A 28 -3.92 0.95 -18.74
C VAL A 28 -5.36 0.60 -18.99
N GLU A 29 -6.20 1.57 -19.24
CA GLU A 29 -7.58 1.30 -19.52
C GLU A 29 -7.78 0.40 -20.71
N ALA A 30 -7.09 0.65 -21.78
CA ALA A 30 -7.22 -0.17 -22.97
C ALA A 30 -6.84 -1.59 -22.66
N LEU A 31 -5.78 -1.73 -21.88
CA LEU A 31 -5.36 -3.07 -21.44
C LEU A 31 -6.42 -3.72 -20.54
N ARG A 32 -6.96 -2.96 -19.60
CA ARG A 32 -7.97 -3.48 -18.70
C ARG A 32 -9.15 -4.00 -19.51
N GLN A 33 -9.57 -3.19 -20.48
CA GLN A 33 -10.72 -3.61 -21.29
C GLN A 33 -10.40 -4.88 -22.07
N HIS A 34 -9.19 -4.95 -22.64
CA HIS A 34 -8.80 -6.13 -23.41
C HIS A 34 -8.83 -7.40 -22.49
N MET A 35 -8.25 -7.26 -21.31
CA MET A 35 -8.21 -8.39 -20.36
C MET A 35 -9.61 -8.74 -19.91
N ALA A 36 -10.45 -7.72 -19.65
CA ALA A 36 -11.82 -7.96 -19.19
C ALA A 36 -12.55 -8.75 -20.22
N ALA A 37 -12.24 -8.55 -21.49
CA ALA A 37 -12.96 -9.17 -22.56
C ALA A 37 -12.63 -10.60 -22.78
N GLN A 38 -11.65 -11.16 -22.04
CA GLN A 38 -11.18 -12.54 -22.26
C GLN A 38 -12.12 -13.53 -21.73
N SER A 39 -12.85 -13.21 -20.68
CA SER A 39 -13.82 -14.15 -20.11
C SER A 39 -14.72 -13.45 -19.14
N ASP A 40 -15.82 -14.12 -18.73
CA ASP A 40 -16.74 -13.53 -17.79
C ASP A 40 -16.04 -13.35 -16.43
N ARG A 41 -15.16 -14.29 -16.06
CA ARG A 41 -14.43 -14.17 -14.79
C ARG A 41 -13.51 -12.96 -14.83
N TRP A 42 -12.77 -12.81 -15.94
CA TRP A 42 -11.87 -11.68 -16.10
C TRP A 42 -12.64 -10.39 -16.12
N ALA A 43 -13.83 -10.39 -16.71
CA ALA A 43 -14.59 -9.16 -16.75
C ALA A 43 -15.08 -8.79 -15.41
N LEU A 44 -15.51 -9.76 -14.64
CA LEU A 44 -15.94 -9.55 -13.26
C LEU A 44 -14.84 -9.00 -12.41
N ALA A 45 -13.70 -9.60 -12.57
CA ALA A 45 -12.49 -9.27 -11.78
C ALA A 45 -12.12 -7.81 -12.17
N LEU A 46 -12.02 -7.60 -13.50
CA LEU A 46 -11.48 -6.37 -14.02
C LEU A 46 -12.63 -5.48 -14.63
N GLU A 47 -13.61 -5.18 -13.80
CA GLU A 47 -14.64 -4.18 -14.23
C GLU A 47 -15.15 -3.41 -13.01
N ASP A 48 -14.62 -3.69 -11.83
CA ASP A 48 -15.02 -3.05 -10.59
C ASP A 48 -14.61 -1.57 -10.60
N GLY A 49 -15.55 -0.66 -10.32
CA GLY A 49 -15.23 0.77 -10.33
C GLY A 49 -14.13 1.16 -9.35
N LYS A 50 -13.95 0.33 -8.35
CA LYS A 50 -12.90 0.61 -7.37
C LYS A 50 -11.59 -0.08 -7.70
N LEU A 51 -11.50 -0.84 -8.77
CA LEU A 51 -10.22 -1.43 -9.12
C LEU A 51 -9.16 -0.36 -9.21
N LEU A 52 -7.98 -0.66 -8.73
CA LEU A 52 -6.79 0.13 -8.79
C LEU A 52 -5.79 -0.48 -9.76
N ALA A 53 -4.95 0.38 -10.24
CA ALA A 53 -3.89 0.06 -11.19
C ALA A 53 -2.56 0.68 -10.81
N ALA A 54 -1.50 -0.08 -11.07
CA ALA A 54 -0.20 0.41 -10.89
C ALA A 54 0.55 0.12 -12.17
N VAL A 55 1.42 1.08 -12.53
CA VAL A 55 2.36 0.91 -13.62
C VAL A 55 3.77 1.10 -13.06
N ASN A 56 4.63 0.12 -13.29
CA ASN A 56 5.99 0.14 -12.74
C ASN A 56 5.96 0.54 -11.28
N GLN A 57 5.08 -0.15 -10.55
CA GLN A 57 5.02 -0.02 -9.10
C GLN A 57 4.67 1.33 -8.56
N THR A 58 3.97 2.11 -9.36
CA THR A 58 3.34 3.33 -8.94
C THR A 58 1.84 3.32 -9.23
N LEU A 59 1.00 3.79 -8.33
CA LEU A 59 -0.41 3.86 -8.59
C LEU A 59 -0.65 4.90 -9.65
N VAL A 60 -1.49 4.59 -10.62
CA VAL A 60 -1.75 5.49 -11.74
C VAL A 60 -3.21 5.48 -12.13
N SER A 61 -3.58 6.54 -12.80
CA SER A 61 -4.85 6.66 -13.46
C SER A 61 -4.91 5.60 -14.52
N PHE A 62 -6.10 5.15 -14.79
CA PHE A 62 -6.28 4.25 -15.90
C PHE A 62 -6.01 4.81 -17.26
N ASP A 63 -5.89 6.14 -17.33
CA ASP A 63 -5.51 6.73 -18.56
C ASP A 63 -4.00 6.72 -18.80
N HIS A 64 -3.27 6.21 -17.79
CA HIS A 64 -1.83 6.18 -17.89
C HIS A 64 -1.39 5.38 -19.12
N PRO A 65 -0.44 5.92 -19.86
CA PRO A 65 0.06 5.27 -21.08
C PRO A 65 0.84 4.06 -20.73
N LEU A 66 0.84 3.11 -21.61
CA LEU A 66 1.60 1.95 -21.46
C LEU A 66 2.72 1.88 -22.45
N THR A 67 3.79 1.21 -22.07
N THR A 67 3.83 1.27 -22.05
CA THR A 67 4.95 1.06 -22.93
CA THR A 67 4.99 1.08 -22.92
C THR A 67 5.60 -0.30 -22.74
C THR A 67 5.55 -0.31 -22.74
N ASP A 68 6.12 -0.82 -23.81
CA ASP A 68 6.74 -2.08 -23.76
C ASP A 68 7.70 -2.17 -22.62
N GLY A 69 7.56 -3.26 -21.89
CA GLY A 69 8.40 -3.55 -20.75
C GLY A 69 7.75 -3.16 -19.44
N ASP A 70 6.66 -2.44 -19.49
CA ASP A 70 6.03 -2.05 -18.26
C ASP A 70 5.56 -3.25 -17.47
N GLU A 71 5.47 -3.02 -16.16
CA GLU A 71 4.73 -3.95 -15.30
C GLU A 71 3.45 -3.28 -14.83
N VAL A 72 2.31 -3.90 -15.13
CA VAL A 72 1.05 -3.36 -14.77
C VAL A 72 0.53 -4.28 -13.70
N ALA A 73 -0.09 -3.65 -12.72
CA ALA A 73 -0.78 -4.51 -11.73
C ALA A 73 -2.20 -3.98 -11.52
N PHE A 74 -3.15 -4.89 -11.38
CA PHE A 74 -4.52 -4.56 -11.11
C PHE A 74 -4.86 -5.19 -9.76
N PHE A 75 -5.52 -4.44 -8.88
CA PHE A 75 -5.79 -4.96 -7.54
C PHE A 75 -6.95 -4.18 -6.92
N PRO A 76 -7.58 -4.76 -5.94
CA PRO A 76 -8.67 -4.06 -5.27
C PRO A 76 -8.14 -3.03 -4.31
N PRO A 77 -9.03 -2.25 -3.78
CA PRO A 77 -8.70 -1.30 -2.73
C PRO A 77 -7.95 -1.98 -1.68
N VAL A 78 -6.98 -1.25 -1.17
CA VAL A 78 -6.05 -1.82 -0.23
C VAL A 78 -6.58 -1.84 1.18
N THR A 79 -6.00 -2.77 1.98
CA THR A 79 -6.41 -2.94 3.34
C THR A 79 -5.31 -3.12 4.31
N GLY A 80 -4.24 -2.41 4.14
CA GLY A 80 -3.13 -2.57 5.07
C GLY A 80 -3.36 -1.81 6.33
N GLY A 81 -2.38 -1.93 7.18
CA GLY A 81 -2.55 -1.66 8.66
C GLY A 81 -2.90 -0.30 8.99
N ALA B 2 16.57 14.16 7.59
CA ALA B 2 16.54 13.94 6.15
C ALA B 2 16.60 12.49 5.70
N GLU B 3 17.17 11.54 6.45
CA GLU B 3 17.12 10.11 6.09
C GLU B 3 15.73 9.47 6.37
N THR B 4 15.41 8.51 5.55
CA THR B 4 14.16 7.77 5.64
C THR B 4 14.41 6.31 5.73
N LYS B 5 13.83 5.67 6.69
CA LYS B 5 13.92 4.22 6.89
C LYS B 5 12.62 3.62 6.47
N ILE B 6 12.64 2.72 5.47
CA ILE B 6 11.41 2.00 5.04
C ILE B 6 11.67 0.51 5.11
N VAL B 7 10.87 -0.20 5.82
CA VAL B 7 10.98 -1.65 6.04
C VAL B 7 9.64 -2.29 5.81
N VAL B 8 9.59 -3.27 4.92
CA VAL B 8 8.42 -4.11 4.74
C VAL B 8 8.88 -5.54 4.82
N GLY B 9 8.36 -6.28 5.76
CA GLY B 9 8.75 -7.65 5.98
C GLY B 9 8.00 -8.28 7.09
N PRO B 10 8.17 -9.57 7.30
CA PRO B 10 7.41 -10.24 8.35
C PRO B 10 7.88 -10.05 9.79
N GLN B 11 9.13 -9.67 9.97
CA GLN B 11 9.70 -9.59 11.28
C GLN B 11 8.99 -8.58 12.14
N PRO B 12 8.91 -8.86 13.41
CA PRO B 12 8.38 -7.90 14.38
C PRO B 12 9.36 -6.76 14.49
N PHE B 13 8.85 -5.63 14.90
CA PHE B 13 9.64 -4.43 15.20
C PHE B 13 9.38 -4.04 16.63
N SER B 14 10.24 -3.18 17.12
CA SER B 14 10.21 -2.71 18.50
C SER B 14 10.34 -1.22 18.45
N VAL B 15 9.32 -0.55 18.93
CA VAL B 15 9.28 0.88 19.02
C VAL B 15 10.54 1.38 19.82
N GLY B 16 10.88 0.73 20.93
CA GLY B 16 12.07 1.14 21.66
C GLY B 16 13.39 1.04 20.89
N GLU B 17 13.41 0.15 19.88
CA GLU B 17 14.55 -0.08 18.98
C GLU B 17 14.53 0.91 17.87
N GLU B 18 13.33 1.36 17.47
CA GLU B 18 13.26 2.33 16.38
C GLU B 18 13.35 3.78 16.80
N TYR B 19 12.89 4.03 18.00
CA TYR B 19 12.82 5.38 18.48
C TYR B 19 14.17 6.16 18.54
N PRO B 20 15.19 5.60 19.18
CA PRO B 20 16.50 6.26 19.28
C PRO B 20 17.02 6.87 17.96
N TRP B 21 17.04 6.09 16.89
CA TRP B 21 17.45 6.56 15.59
C TRP B 21 16.52 7.68 15.11
N LEU B 22 15.23 7.42 15.18
CA LEU B 22 14.35 8.45 14.70
C LEU B 22 14.50 9.78 15.38
N ALA B 23 14.71 9.74 16.70
CA ALA B 23 14.79 10.91 17.56
C ALA B 23 16.15 11.52 17.78
N GLU B 24 17.13 11.05 17.04
CA GLU B 24 18.48 11.38 17.42
C GLU B 24 18.87 12.82 17.16
N ARG B 25 18.50 13.38 16.03
CA ARG B 25 18.88 14.76 15.68
C ARG B 25 18.30 15.80 16.58
N ASP B 26 19.13 16.68 17.11
CA ASP B 26 18.64 17.75 17.99
C ASP B 26 17.74 18.69 17.26
N GLU B 27 17.93 18.81 15.97
CA GLU B 27 17.05 19.74 15.23
C GLU B 27 15.64 19.20 14.98
N ASP B 28 15.48 17.93 15.25
CA ASP B 28 14.22 17.19 15.16
C ASP B 28 13.58 17.19 16.57
N GLY B 29 13.09 18.33 16.96
CA GLY B 29 12.54 18.55 18.30
C GLY B 29 11.20 18.01 18.61
N ALA B 30 10.53 17.56 17.58
CA ALA B 30 9.20 17.00 17.72
C ALA B 30 9.20 15.65 17.05
N VAL B 31 8.89 14.61 17.83
CA VAL B 31 8.89 13.25 17.32
C VAL B 31 7.50 12.66 17.55
N VAL B 32 6.88 12.24 16.48
CA VAL B 32 5.63 11.55 16.62
C VAL B 32 5.72 10.14 16.11
N THR B 33 5.16 9.20 16.86
CA THR B 33 5.04 7.87 16.34
C THR B 33 3.60 7.40 16.34
N PHE B 34 3.38 6.49 15.43
CA PHE B 34 2.08 5.82 15.36
C PHE B 34 2.40 4.36 15.22
N THR B 35 1.79 3.54 16.03
CA THR B 35 1.80 2.09 15.89
C THR B 35 0.40 1.62 15.72
N GLY B 36 0.18 0.79 14.71
CA GLY B 36 -1.13 0.20 14.49
C GLY B 36 -1.05 -1.31 14.67
N LYS B 37 -1.99 -1.85 15.38
CA LYS B 37 -2.02 -3.29 15.72
C LYS B 37 -3.18 -3.93 15.01
N VAL B 38 -3.07 -5.26 14.85
CA VAL B 38 -4.16 -5.98 14.26
C VAL B 38 -5.29 -5.89 15.23
N ARG B 39 -6.50 -5.66 14.69
CA ARG B 39 -7.67 -5.49 15.57
C ARG B 39 -8.44 -6.85 15.60
N VAL B 47 -11.28 -15.09 17.67
CA VAL B 47 -10.06 -14.41 17.40
C VAL B 47 -9.53 -15.15 16.19
N ASN B 48 -9.30 -14.41 15.12
CA ASN B 48 -8.86 -15.01 13.88
C ASN B 48 -7.50 -14.42 13.48
N ALA B 49 -6.69 -15.26 12.89
CA ALA B 49 -5.40 -14.80 12.38
C ALA B 49 -5.70 -13.98 11.10
N LEU B 50 -4.90 -12.95 10.86
CA LEU B 50 -4.94 -12.14 9.61
C LEU B 50 -3.70 -12.52 8.84
N THR B 51 -3.82 -12.58 7.53
CA THR B 51 -2.67 -12.74 6.71
C THR B 51 -2.64 -11.52 5.78
N LEU B 52 -1.49 -10.86 5.73
CA LEU B 52 -1.32 -9.71 4.85
C LEU B 52 -0.67 -10.07 3.59
N GLU B 53 -1.43 -10.13 2.50
CA GLU B 53 -0.93 -10.31 1.15
C GLU B 53 -0.41 -8.94 0.72
N HIS B 54 0.59 -8.90 -0.14
CA HIS B 54 1.15 -7.66 -0.58
C HIS B 54 1.78 -7.83 -1.97
N TYR B 55 2.02 -6.69 -2.55
CA TYR B 55 2.72 -6.58 -3.82
C TYR B 55 4.18 -6.23 -3.55
N PRO B 56 5.06 -7.19 -3.47
CA PRO B 56 6.42 -6.93 -2.98
C PRO B 56 7.19 -5.95 -3.75
N GLY B 57 7.00 -5.90 -5.03
CA GLY B 57 7.84 -4.97 -5.75
C GLY B 57 7.47 -3.53 -5.63
N MET B 58 6.33 -3.32 -4.99
CA MET B 58 5.68 -2.02 -4.87
C MET B 58 5.56 -1.50 -3.42
N THR B 59 5.51 -2.37 -2.41
CA THR B 59 5.17 -1.87 -1.08
C THR B 59 6.20 -0.88 -0.55
N GLU B 60 7.47 -1.20 -0.71
CA GLU B 60 8.46 -0.25 -0.24
C GLU B 60 8.45 1.03 -1.03
N LYS B 61 8.25 0.90 -2.35
CA LYS B 61 8.27 2.03 -3.17
C LYS B 61 7.07 2.94 -2.81
N ALA B 62 5.96 2.35 -2.61
CA ALA B 62 4.74 3.11 -2.32
C ALA B 62 4.90 3.84 -1.03
N LEU B 63 5.46 3.19 -0.05
CA LEU B 63 5.68 3.80 1.30
C LEU B 63 6.71 4.96 1.08
N ALA B 64 7.75 4.75 0.32
CA ALA B 64 8.68 5.79 0.05
C ALA B 64 8.02 6.96 -0.70
N GLU B 65 7.04 6.73 -1.62
CA GLU B 65 6.38 7.78 -2.39
C GLU B 65 5.53 8.60 -1.48
N ILE B 66 4.95 7.95 -0.45
CA ILE B 66 4.18 8.67 0.54
C ILE B 66 5.04 9.56 1.42
N VAL B 67 6.15 9.06 1.90
CA VAL B 67 7.13 9.87 2.68
C VAL B 67 7.64 10.99 1.79
N ASP B 68 8.00 10.71 0.54
CA ASP B 68 8.46 11.85 -0.33
C ASP B 68 7.42 12.97 -0.45
N GLU B 69 6.13 12.65 -0.56
CA GLU B 69 5.11 13.59 -0.65
C GLU B 69 4.98 14.29 0.70
N ALA B 70 5.02 13.53 1.78
CA ALA B 70 5.00 14.20 3.10
C ALA B 70 6.15 15.22 3.23
N ARG B 71 7.33 14.92 2.76
CA ARG B 71 8.48 15.80 2.89
C ARG B 71 8.30 17.07 2.09
N ASN B 72 7.47 17.02 1.06
CA ASN B 72 7.20 18.22 0.25
C ASN B 72 6.11 19.02 0.88
N ARG B 73 5.32 18.44 1.75
CA ARG B 73 4.19 19.12 2.40
C ARG B 73 4.59 19.72 3.74
N TRP B 74 5.54 19.09 4.39
CA TRP B 74 6.02 19.50 5.70
C TRP B 74 7.50 19.39 5.78
N PRO B 75 8.14 20.22 6.61
CA PRO B 75 9.57 20.14 6.77
C PRO B 75 9.85 19.06 7.79
N LEU B 76 10.17 17.87 7.31
CA LEU B 76 10.41 16.76 8.16
C LEU B 76 11.89 16.40 8.33
N GLY B 77 12.25 15.78 9.42
CA GLY B 77 13.54 15.23 9.67
C GLY B 77 13.57 13.77 9.39
N ARG B 78 14.05 12.96 10.30
CA ARG B 78 14.05 11.52 10.00
C ARG B 78 12.62 11.03 9.99
N VAL B 79 12.40 10.02 9.14
CA VAL B 79 11.13 9.36 9.08
C VAL B 79 11.38 7.87 8.99
N THR B 80 10.56 7.07 9.66
CA THR B 80 10.62 5.62 9.58
C THR B 80 9.22 5.13 9.30
N VAL B 81 9.11 4.24 8.35
CA VAL B 81 7.84 3.56 8.10
C VAL B 81 8.12 2.04 8.03
N ILE B 82 7.45 1.28 8.86
CA ILE B 82 7.61 -0.18 8.85
C ILE B 82 6.18 -0.78 8.70
N HIS B 83 6.03 -1.71 7.77
CA HIS B 83 4.76 -2.41 7.67
C HIS B 83 5.06 -3.88 7.55
N ARG B 84 4.46 -4.66 8.42
CA ARG B 84 4.64 -6.10 8.38
C ARG B 84 3.81 -6.83 7.34
N ILE B 85 4.24 -8.05 7.03
CA ILE B 85 3.47 -8.91 6.14
C ILE B 85 3.41 -10.24 6.87
N GLY B 86 2.70 -11.14 6.26
CA GLY B 86 2.58 -12.47 6.84
C GLY B 86 1.38 -12.62 7.75
N GLU B 87 1.37 -13.68 8.55
CA GLU B 87 0.27 -13.97 9.42
C GLU B 87 0.49 -13.29 10.73
N LEU B 88 -0.52 -12.55 11.19
CA LEU B 88 -0.45 -11.79 12.38
C LEU B 88 -1.69 -12.03 13.13
N TRP B 89 -1.69 -11.69 14.41
CA TRP B 89 -2.81 -11.98 15.27
C TRP B 89 -3.23 -10.72 15.94
N PRO B 90 -4.47 -10.60 16.31
CA PRO B 90 -4.92 -9.44 17.12
C PRO B 90 -4.00 -9.11 18.25
N GLY B 91 -3.63 -7.82 18.35
CA GLY B 91 -2.66 -7.39 19.31
C GLY B 91 -1.28 -7.22 18.71
N ASP B 92 -0.98 -7.90 17.60
CA ASP B 92 0.33 -7.81 17.01
C ASP B 92 0.51 -6.41 16.38
N GLU B 93 1.71 -5.86 16.44
CA GLU B 93 1.95 -4.57 15.79
C GLU B 93 2.15 -4.82 14.32
N ILE B 94 1.40 -4.15 13.46
CA ILE B 94 1.45 -4.31 12.03
C ILE B 94 2.19 -3.16 11.34
N VAL B 95 2.04 -1.96 11.90
CA VAL B 95 2.57 -0.81 11.20
C VAL B 95 3.13 0.18 12.16
N PHE B 96 4.23 0.81 11.79
CA PHE B 96 4.88 1.80 12.60
C PHE B 96 5.19 2.95 11.66
N VAL B 97 4.81 4.16 12.11
CA VAL B 97 5.18 5.38 11.36
C VAL B 97 5.85 6.31 12.43
N GLY B 98 7.02 6.79 12.12
CA GLY B 98 7.76 7.65 12.98
C GLY B 98 8.12 8.86 12.14
N VAL B 99 7.75 10.02 12.63
CA VAL B 99 8.06 11.21 11.89
C VAL B 99 8.60 12.28 12.80
N THR B 100 9.53 13.08 12.32
CA THR B 100 10.08 14.15 13.15
C THR B 100 10.00 15.47 12.43
N SER B 101 10.06 16.56 13.16
CA SER B 101 9.94 17.90 12.59
C SER B 101 10.40 18.83 13.67
N ALA B 102 10.57 20.10 13.31
CA ALA B 102 10.85 21.07 14.33
C ALA B 102 9.73 21.38 15.24
N HIS B 103 8.51 21.27 14.74
CA HIS B 103 7.29 21.64 15.48
C HIS B 103 6.31 20.50 15.46
N ARG B 104 5.53 20.41 16.51
CA ARG B 104 4.59 19.35 16.66
C ARG B 104 3.55 19.27 15.58
N SER B 105 3.10 20.43 15.08
CA SER B 105 2.02 20.41 14.12
C SER B 105 2.43 19.64 12.90
N SER B 106 3.66 19.83 12.44
CA SER B 106 4.12 19.26 11.18
C SER B 106 4.25 17.79 11.41
N ALA B 107 4.77 17.47 12.57
CA ALA B 107 4.99 16.06 12.89
C ALA B 107 3.67 15.30 12.98
N PHE B 108 2.69 15.86 13.68
CA PHE B 108 1.41 15.18 13.81
C PHE B 108 0.70 15.05 12.48
N GLU B 109 0.71 16.14 11.74
CA GLU B 109 -0.03 16.15 10.46
C GLU B 109 0.58 15.16 9.50
N ALA B 110 1.89 15.12 9.46
CA ALA B 110 2.58 14.22 8.52
C ALA B 110 2.37 12.80 8.94
N GLY B 111 2.35 12.51 10.23
CA GLY B 111 2.05 11.17 10.66
C GLY B 111 0.65 10.74 10.20
N GLN B 112 -0.33 11.61 10.40
CA GLN B 112 -1.72 11.35 10.03
C GLN B 112 -1.79 11.12 8.50
N PHE B 113 -1.14 11.98 7.75
CA PHE B 113 -1.15 11.89 6.32
C PHE B 113 -0.52 10.60 5.89
N ILE B 114 0.64 10.25 6.42
CA ILE B 114 1.33 9.05 6.02
C ILE B 114 0.43 7.84 6.26
N MET B 115 -0.23 7.82 7.40
CA MET B 115 -1.12 6.69 7.72
C MET B 115 -2.31 6.66 6.75
N ASP B 116 -2.91 7.86 6.48
CA ASP B 116 -4.07 7.90 5.64
C ASP B 116 -3.74 7.42 4.26
N TYR B 117 -2.60 7.85 3.74
CA TYR B 117 -2.21 7.42 2.42
C TYR B 117 -1.74 5.97 2.46
N LEU B 118 -1.15 5.50 3.52
CA LEU B 118 -0.75 4.08 3.57
C LEU B 118 -1.97 3.19 3.46
N LYS B 119 -3.01 3.63 4.15
N LYS B 119 -3.01 3.63 4.15
CA LYS B 119 -4.25 2.84 4.26
CA LYS B 119 -4.25 2.83 4.25
C LYS B 119 -5.06 2.85 2.97
C LYS B 119 -5.05 2.84 2.97
N THR B 120 -4.76 3.74 2.06
CA THR B 120 -5.49 3.76 0.79
C THR B 120 -4.59 3.52 -0.41
N ARG B 121 -3.27 3.55 -0.25
CA ARG B 121 -2.41 3.42 -1.45
C ARG B 121 -1.40 2.36 -1.35
N ALA B 122 -1.02 1.89 -0.20
CA ALA B 122 0.05 0.88 -0.11
C ALA B 122 -0.57 -0.47 -0.36
N PRO B 123 0.03 -1.22 -1.30
CA PRO B 123 -0.56 -2.45 -1.74
C PRO B 123 -0.33 -3.64 -0.80
N PHE B 124 -1.19 -3.69 0.21
CA PHE B 124 -1.37 -4.77 1.19
C PHE B 124 -2.84 -5.10 1.26
N TRP B 125 -3.15 -6.37 1.40
CA TRP B 125 -4.48 -6.77 1.57
C TRP B 125 -4.57 -7.82 2.68
N LYS B 126 -5.47 -7.50 3.62
CA LYS B 126 -5.66 -8.44 4.78
C LYS B 126 -6.72 -9.52 4.48
N ARG B 127 -6.35 -10.74 4.81
CA ARG B 127 -7.35 -11.78 4.85
C ARG B 127 -7.42 -12.39 6.21
N GLU B 128 -8.66 -12.69 6.60
CA GLU B 128 -8.95 -13.20 7.94
C GLU B 128 -9.27 -14.67 7.82
N ALA B 129 -8.63 -15.48 8.64
CA ALA B 129 -8.84 -16.94 8.65
C ALA B 129 -9.88 -17.25 9.66
N THR B 130 -11.13 -17.16 9.21
CA THR B 130 -12.32 -17.40 10.02
C THR B 130 -12.66 -18.88 10.04
N PRO B 131 -13.55 -19.20 10.93
CA PRO B 131 -14.01 -20.59 11.05
C PRO B 131 -14.59 -21.19 9.79
N GLU B 132 -15.18 -20.36 8.93
CA GLU B 132 -15.78 -20.82 7.70
C GLU B 132 -14.85 -20.60 6.51
N GLY B 133 -13.62 -20.17 6.76
CA GLY B 133 -12.70 -19.97 5.65
C GLY B 133 -12.01 -18.60 5.67
N ASP B 134 -11.13 -18.44 4.73
CA ASP B 134 -10.46 -17.17 4.62
C ASP B 134 -11.45 -16.22 4.04
N ARG B 135 -11.44 -15.01 4.52
CA ARG B 135 -12.25 -13.93 4.08
C ARG B 135 -11.42 -12.67 3.94
N TRP B 136 -11.58 -11.99 2.84
CA TRP B 136 -10.90 -10.70 2.72
C TRP B 136 -11.54 -9.60 3.52
N VAL B 137 -10.72 -8.87 4.25
CA VAL B 137 -11.17 -7.73 5.08
C VAL B 137 -11.61 -6.65 4.16
N GLU B 138 -12.71 -5.97 4.50
CA GLU B 138 -13.28 -4.97 3.64
C GLU B 138 -12.54 -3.67 3.79
N ALA B 139 -12.31 -2.94 2.69
CA ALA B 139 -11.73 -1.61 2.76
C ALA B 139 -12.82 -0.72 3.36
N ARG B 140 -12.39 0.27 4.11
CA ARG B 140 -13.30 1.17 4.79
C ARG B 140 -13.44 2.48 4.06
N GLU B 141 -14.68 2.91 3.85
CA GLU B 141 -14.90 4.21 3.23
C GLU B 141 -14.31 5.35 4.08
N SER B 142 -14.22 5.15 5.39
CA SER B 142 -13.66 6.16 6.25
C SER B 142 -12.18 6.39 5.90
N ASP B 143 -11.48 5.34 5.44
CA ASP B 143 -10.08 5.53 5.06
C ASP B 143 -10.03 6.38 3.79
N GLN B 144 -10.99 6.13 2.89
CA GLN B 144 -11.03 6.92 1.67
C GLN B 144 -11.27 8.36 1.94
N GLN B 145 -12.22 8.65 2.82
CA GLN B 145 -12.50 10.02 3.17
C GLN B 145 -11.30 10.68 3.86
N ALA B 146 -10.69 9.94 4.76
CA ALA B 146 -9.56 10.48 5.45
C ALA B 146 -8.46 10.82 4.47
N ALA B 147 -8.28 9.97 3.48
CA ALA B 147 -7.22 10.23 2.57
C ALA B 147 -7.51 11.42 1.67
N LYS B 148 -8.77 11.53 1.29
CA LYS B 148 -9.19 12.59 0.37
C LYS B 148 -9.05 13.98 0.95
N ARG B 149 -9.03 14.12 2.28
CA ARG B 149 -8.85 15.47 2.84
C ARG B 149 -7.51 16.14 2.59
N TRP B 150 -6.52 15.34 2.33
CA TRP B 150 -5.18 15.90 2.09
C TRP B 150 -5.05 16.49 0.67
CL CL C . -14.31 -2.71 -23.59
CL CL D . -6.40 3.02 12.39
CL CL E . -6.02 10.85 11.73
#